data_8A4M
#
_entry.id   8A4M
#
_cell.length_a   67.883
_cell.length_b   78.429
_cell.length_c   80.036
_cell.angle_alpha   90.000
_cell.angle_beta   90.000
_cell.angle_gamma   90.000
#
_symmetry.space_group_name_H-M   'I 2 2 2'
#
loop_
_entity.id
_entity.type
_entity.pdbx_description
1 polymer 'Metallo-beta-lactamase VIM-2-like protein'
2 non-polymer 'ZINC ION'
3 non-polymer 'ACETATE ION'
4 non-polymer '(2~{S})-2-[bis(1~{H}-imidazol-4-ylmethyl)amino]-5-(3-phenyl-5-sulfanylidene-1~{H}-1,2,4-triazol-4-yl)pentanoic acid'
5 water water
#
_entity_poly.entity_id   1
_entity_poly.type   'polypeptide(L)'
_entity_poly.pdbx_seq_one_letter_code
;VDSSGEYPTVSEIPVGEVRLYQIADGVWSHIATQSFDGAVYPSNGLIVRDGDELLLIDTAWGAKNTAALLAEIEKQIGLP
VTRAVSTHFHDDRVGGVDVLRAAGVATYASPSTRRLAEVEGNEIPTHSLEGLSSSGDAVRFGPVELFYPGAAHSTDNLVV
YVPSASVLYGGCAIYELSRTSAGNVADADLAEWPTSIERIQQHYPEAQFVIPGHGLPGGLDLLKHTTNVVKAHTNRSVVE
;
_entity_poly.pdbx_strand_id   A
#
loop_
_chem_comp.id
_chem_comp.type
_chem_comp.name
_chem_comp.formula
ACT non-polymer 'ACETATE ION' 'C2 H3 O2 -1'
L2R non-polymer '(2~{S})-2-[bis(1~{H}-imidazol-4-ylmethyl)amino]-5-(3-phenyl-5-sulfanylidene-1~{H}-1,2,4-triazol-4-yl)pentanoic acid' 'C21 H24 N8 O2 S'
ZN non-polymer 'ZINC ION' 'Zn 2'
#
# COMPACT_ATOMS: atom_id res chain seq x y z
N GLY A 5 -0.84 20.64 -0.78
CA GLY A 5 -0.65 21.14 -2.19
C GLY A 5 -1.31 20.24 -3.24
N GLU A 6 -0.81 20.31 -4.48
CA GLU A 6 -1.24 19.46 -5.59
C GLU A 6 -0.51 18.11 -5.50
N TYR A 7 -1.28 17.03 -5.56
CA TYR A 7 -0.75 15.69 -5.44
C TYR A 7 0.17 15.38 -6.61
N PRO A 8 1.40 14.88 -6.34
CA PRO A 8 2.36 14.58 -7.40
C PRO A 8 1.92 13.47 -8.36
N THR A 9 2.17 13.71 -9.67
CA THR A 9 1.87 12.76 -10.74
C THR A 9 3.17 12.38 -11.43
N VAL A 10 3.10 11.44 -12.39
CA VAL A 10 4.27 10.97 -13.10
C VAL A 10 5.05 12.14 -13.72
N SER A 11 4.32 13.23 -14.03
CA SER A 11 4.88 14.48 -14.52
C SER A 11 5.96 15.00 -13.57
N GLU A 12 5.62 15.22 -12.29
CA GLU A 12 6.52 15.89 -11.38
C GLU A 12 7.52 14.92 -10.76
N ILE A 13 7.66 13.70 -11.31
CA ILE A 13 8.48 12.68 -10.65
C ILE A 13 9.40 11.97 -11.67
N PRO A 14 10.70 12.34 -11.73
CA PRO A 14 11.67 11.61 -12.57
C PRO A 14 11.80 10.15 -12.13
N VAL A 15 11.78 9.21 -13.09
CA VAL A 15 11.83 7.80 -12.76
C VAL A 15 13.16 7.50 -12.06
N GLY A 16 13.06 6.93 -10.86
CA GLY A 16 14.19 6.70 -9.98
C GLY A 16 14.15 7.63 -8.77
N GLU A 17 13.22 8.61 -8.80
CA GLU A 17 13.01 9.58 -7.73
C GLU A 17 11.69 9.32 -7.00
N VAL A 18 11.58 9.91 -5.80
CA VAL A 18 10.46 9.69 -4.91
C VAL A 18 10.06 11.05 -4.32
N ARG A 19 8.76 11.35 -4.38
CA ARG A 19 8.20 12.53 -3.74
C ARG A 19 7.37 12.10 -2.54
N LEU A 20 7.39 12.94 -1.49
CA LEU A 20 6.57 12.74 -0.31
C LEU A 20 5.42 13.73 -0.38
N TYR A 21 4.26 13.34 0.15
CA TYR A 21 3.11 14.22 0.15
C TYR A 21 2.42 14.17 1.51
N GLN A 22 2.29 15.32 2.18
CA GLN A 22 1.75 15.33 3.52
C GLN A 22 0.24 15.32 3.48
N ILE A 23 -0.37 14.25 3.96
CA ILE A 23 -1.82 14.08 3.94
C ILE A 23 -2.41 14.74 5.19
N ALA A 24 -1.66 14.69 6.30
CA ALA A 24 -2.16 15.11 7.61
C ALA A 24 -0.96 15.27 8.52
N ASP A 25 -1.20 15.77 9.74
CA ASP A 25 -0.11 15.79 10.71
C ASP A 25 0.41 14.36 10.90
N GLY A 26 1.73 14.20 10.72
CA GLY A 26 2.44 12.95 10.88
C GLY A 26 1.93 11.83 9.96
N VAL A 27 1.25 12.18 8.85
CA VAL A 27 0.98 11.19 7.81
C VAL A 27 1.41 11.71 6.44
N TRP A 28 2.09 10.83 5.70
CA TRP A 28 2.52 11.15 4.35
C TRP A 28 2.24 9.95 3.45
N SER A 29 2.03 10.24 2.15
CA SER A 29 2.21 9.26 1.09
C SER A 29 3.59 9.42 0.48
N HIS A 30 4.14 8.30 0.01
CA HIS A 30 5.34 8.33 -0.82
C HIS A 30 4.94 7.89 -2.22
N ILE A 31 5.39 8.65 -3.22
CA ILE A 31 4.99 8.40 -4.59
C ILE A 31 6.27 8.15 -5.39
N ALA A 32 6.32 7.01 -6.10
CA ALA A 32 7.44 6.67 -6.97
C ALA A 32 6.89 6.29 -8.34
N THR A 33 7.77 6.21 -9.35
CA THR A 33 7.32 5.82 -10.68
C THR A 33 8.08 4.58 -11.14
N GLN A 34 7.45 3.80 -12.02
CA GLN A 34 8.11 2.63 -12.55
C GLN A 34 7.72 2.51 -14.02
N SER A 35 8.71 2.22 -14.87
CA SER A 35 8.51 1.97 -16.29
C SER A 35 8.26 0.48 -16.47
N PHE A 36 7.01 0.10 -16.72
CA PHE A 36 6.75 -1.26 -17.13
C PHE A 36 6.08 -1.27 -18.50
N ASP A 37 6.55 -2.17 -19.38
CA ASP A 37 5.82 -2.63 -20.55
C ASP A 37 5.51 -1.50 -21.51
N GLY A 38 6.44 -0.54 -21.63
CA GLY A 38 6.24 0.60 -22.50
C GLY A 38 5.69 1.86 -21.81
N ALA A 39 5.05 1.72 -20.65
CA ALA A 39 4.36 2.86 -20.04
C ALA A 39 4.98 3.20 -18.68
N VAL A 40 4.60 4.36 -18.14
CA VAL A 40 5.07 4.85 -16.86
C VAL A 40 3.85 5.04 -15.97
N TYR A 41 3.86 4.39 -14.79
CA TYR A 41 2.75 4.32 -13.82
C TYR A 41 3.27 4.80 -12.47
N PRO A 42 2.51 5.57 -11.65
CA PRO A 42 2.96 5.94 -10.32
C PRO A 42 2.50 4.87 -9.31
N SER A 43 3.08 4.92 -8.12
CA SER A 43 2.80 3.96 -7.08
C SER A 43 2.90 4.70 -5.75
N ASN A 44 1.94 4.44 -4.86
CA ASN A 44 1.83 5.06 -3.56
C ASN A 44 2.21 4.09 -2.46
N GLY A 45 2.86 4.63 -1.42
CA GLY A 45 2.98 3.96 -0.14
C GLY A 45 2.63 4.97 0.95
N LEU A 46 2.70 4.56 2.22
CA LEU A 46 2.37 5.43 3.34
C LEU A 46 3.57 5.56 4.28
N ILE A 47 3.65 6.70 4.97
CA ILE A 47 4.57 6.95 6.07
C ILE A 47 3.77 7.55 7.23
N VAL A 48 3.88 6.94 8.43
CA VAL A 48 3.16 7.36 9.61
C VAL A 48 4.12 7.58 10.77
N ARG A 49 4.08 8.80 11.33
CA ARG A 49 4.91 9.14 12.48
C ARG A 49 4.46 8.35 13.71
N ASP A 50 5.45 7.74 14.41
CA ASP A 50 5.27 6.88 15.58
C ASP A 50 6.18 7.37 16.71
N GLY A 51 5.69 8.32 17.50
CA GLY A 51 6.53 9.02 18.46
C GLY A 51 7.64 9.79 17.74
N ASP A 52 8.88 9.33 17.92
CA ASP A 52 10.01 9.98 17.27
C ASP A 52 10.58 9.08 16.17
N GLU A 53 9.79 8.09 15.74
CA GLU A 53 10.27 7.29 14.63
C GLU A 53 9.16 7.19 13.60
N LEU A 54 9.40 6.38 12.55
CA LEU A 54 8.52 6.36 11.39
C LEU A 54 8.19 4.90 11.11
N LEU A 55 6.91 4.65 10.81
CA LEU A 55 6.49 3.37 10.29
C LEU A 55 6.31 3.54 8.79
N LEU A 56 6.81 2.58 8.01
CA LEU A 56 6.73 2.67 6.57
C LEU A 56 5.75 1.59 6.09
N ILE A 57 4.81 1.99 5.23
CA ILE A 57 3.92 1.05 4.60
C ILE A 57 4.30 0.94 3.13
N ASP A 58 4.78 -0.25 2.76
CA ASP A 58 5.16 -0.68 1.40
C ASP A 58 6.48 -0.04 0.97
N THR A 59 7.23 -0.77 0.13
CA THR A 59 8.43 -0.29 -0.52
C THR A 59 8.07 0.66 -1.65
N ALA A 60 9.06 1.40 -2.13
CA ALA A 60 8.82 2.35 -3.26
C ALA A 60 8.93 1.59 -4.57
N TRP A 61 8.86 0.25 -4.51
CA TRP A 61 8.92 -0.60 -5.73
C TRP A 61 10.28 -0.80 -6.42
N GLY A 62 11.16 -1.59 -5.81
CA GLY A 62 12.52 -1.77 -6.33
C GLY A 62 13.61 -1.35 -5.36
N ALA A 63 14.76 -2.00 -5.44
CA ALA A 63 15.84 -1.68 -4.53
C ALA A 63 16.27 -0.23 -4.68
N LYS A 64 16.33 0.28 -5.92
CA LYS A 64 16.87 1.62 -6.14
C LYS A 64 15.86 2.69 -5.73
N ASN A 65 14.58 2.49 -6.08
CA ASN A 65 13.53 3.36 -5.62
C ASN A 65 13.50 3.40 -4.10
N THR A 66 13.65 2.24 -3.44
CA THR A 66 13.56 2.15 -1.99
C THR A 66 14.72 2.92 -1.32
N ALA A 67 15.92 2.81 -1.89
CA ALA A 67 17.05 3.56 -1.35
C ALA A 67 16.81 5.06 -1.49
N ALA A 68 16.19 5.49 -2.61
CA ALA A 68 15.81 6.88 -2.82
C ALA A 68 14.68 7.33 -1.88
N LEU A 69 13.75 6.42 -1.54
CA LEU A 69 12.76 6.75 -0.54
C LEU A 69 13.43 7.05 0.81
N LEU A 70 14.38 6.21 1.22
CA LEU A 70 14.96 6.42 2.53
C LEU A 70 15.73 7.74 2.57
N ALA A 71 16.47 8.02 1.49
CA ALA A 71 17.23 9.27 1.35
C ALA A 71 16.27 10.45 1.42
N GLU A 72 15.12 10.34 0.74
CA GLU A 72 14.14 11.41 0.67
C GLU A 72 13.43 11.58 2.01
N ILE A 73 13.36 10.50 2.81
CA ILE A 73 12.79 10.62 4.14
C ILE A 73 13.81 11.34 5.02
N GLU A 74 15.09 10.96 4.89
CA GLU A 74 16.21 11.44 5.71
C GLU A 74 16.35 12.94 5.50
N LYS A 75 15.83 13.43 4.37
CA LYS A 75 16.00 14.80 3.92
C LYS A 75 14.81 15.64 4.36
N GLN A 76 13.61 15.07 4.34
CA GLN A 76 12.42 15.89 4.43
C GLN A 76 11.76 15.76 5.81
N ILE A 77 12.04 14.69 6.55
CA ILE A 77 11.38 14.45 7.83
C ILE A 77 12.46 14.34 8.90
N GLY A 78 13.51 13.58 8.57
CA GLY A 78 14.70 13.48 9.40
C GLY A 78 14.47 12.63 10.64
N LEU A 79 13.45 11.78 10.60
CA LEU A 79 13.17 10.82 11.66
C LEU A 79 13.49 9.44 11.08
N PRO A 80 13.95 8.48 11.92
CA PRO A 80 14.36 7.17 11.43
C PRO A 80 13.18 6.24 11.18
N VAL A 81 13.22 5.53 10.05
CA VAL A 81 12.27 4.48 9.76
C VAL A 81 12.76 3.25 10.50
N THR A 82 11.96 2.79 11.49
CA THR A 82 12.29 1.65 12.32
C THR A 82 11.49 0.41 11.94
N ARG A 83 10.33 0.57 11.31
CA ARG A 83 9.52 -0.58 10.95
C ARG A 83 8.89 -0.38 9.56
N ALA A 84 8.68 -1.49 8.83
CA ALA A 84 8.01 -1.39 7.54
C ALA A 84 7.02 -2.55 7.38
N VAL A 85 5.87 -2.29 6.80
CA VAL A 85 4.88 -3.33 6.58
C VAL A 85 4.60 -3.39 5.08
N SER A 86 4.63 -4.61 4.52
CA SER A 86 4.23 -4.84 3.14
C SER A 86 2.80 -5.34 3.13
N THR A 87 1.95 -4.72 2.29
CA THR A 87 0.52 -5.01 2.29
C THR A 87 0.18 -6.19 1.39
N HIS A 88 1.09 -6.59 0.49
CA HIS A 88 0.90 -7.82 -0.29
C HIS A 88 2.23 -8.29 -0.86
N PHE A 89 2.25 -9.50 -1.43
CA PHE A 89 3.50 -10.19 -1.73
C PHE A 89 4.09 -9.78 -3.07
N HIS A 90 3.42 -8.93 -3.85
CA HIS A 90 3.97 -8.60 -5.16
C HIS A 90 5.19 -7.68 -4.99
N ASP A 91 6.01 -7.70 -6.04
CA ASP A 91 7.30 -7.02 -6.09
C ASP A 91 7.13 -5.51 -5.90
N ASP A 92 5.97 -4.95 -6.22
CA ASP A 92 5.81 -3.51 -6.07
C ASP A 92 5.67 -3.10 -4.59
N ARG A 93 5.55 -4.09 -3.70
CA ARG A 93 5.28 -3.80 -2.30
C ARG A 93 6.37 -4.40 -1.40
N VAL A 94 7.09 -5.44 -1.89
CA VAL A 94 8.17 -6.09 -1.14
C VAL A 94 9.52 -5.85 -1.84
N GLY A 95 9.50 -5.42 -3.10
CA GLY A 95 10.77 -5.15 -3.79
C GLY A 95 11.48 -3.95 -3.15
N GLY A 96 12.64 -4.20 -2.52
CA GLY A 96 13.34 -3.20 -1.72
C GLY A 96 13.40 -3.58 -0.23
N VAL A 97 12.78 -4.71 0.12
CA VAL A 97 12.83 -5.21 1.48
C VAL A 97 14.27 -5.41 1.95
N ASP A 98 15.15 -5.91 1.05
CA ASP A 98 16.55 -6.13 1.40
C ASP A 98 17.28 -4.82 1.72
N VAL A 99 16.97 -3.76 0.96
CA VAL A 99 17.50 -2.41 1.20
C VAL A 99 17.04 -1.92 2.57
N LEU A 100 15.76 -2.13 2.86
CA LEU A 100 15.20 -1.70 4.13
C LEU A 100 15.95 -2.40 5.25
N ARG A 101 16.11 -3.72 5.11
CA ARG A 101 16.70 -4.58 6.11
C ARG A 101 18.15 -4.16 6.34
N ALA A 102 18.87 -3.81 5.27
CA ALA A 102 20.27 -3.40 5.39
C ALA A 102 20.40 -2.09 6.16
N ALA A 103 19.43 -1.18 6.02
CA ALA A 103 19.42 0.09 6.72
C ALA A 103 18.91 -0.06 8.16
N GLY A 104 18.65 -1.29 8.59
CA GLY A 104 18.22 -1.48 9.96
C GLY A 104 16.70 -1.34 10.16
N VAL A 105 15.91 -1.37 9.10
CA VAL A 105 14.46 -1.40 9.28
C VAL A 105 14.01 -2.84 9.58
N ALA A 106 13.17 -3.00 10.62
CA ALA A 106 12.45 -4.26 10.84
C ALA A 106 11.28 -4.39 9.84
N THR A 107 11.32 -5.43 9.01
CA THR A 107 10.32 -5.58 7.96
C THR A 107 9.29 -6.62 8.41
N TYR A 108 8.01 -6.33 8.14
CA TYR A 108 6.90 -7.17 8.57
C TYR A 108 5.94 -7.46 7.41
N ALA A 109 5.35 -8.66 7.44
CA ALA A 109 4.19 -8.97 6.61
C ALA A 109 3.46 -10.14 7.27
N SER A 110 2.21 -10.39 6.84
CA SER A 110 1.44 -11.51 7.35
C SER A 110 2.10 -12.80 6.89
N PRO A 111 1.83 -13.94 7.58
CA PRO A 111 2.35 -15.23 7.15
C PRO A 111 1.89 -15.55 5.72
N SER A 112 0.68 -15.09 5.39
CA SER A 112 0.16 -15.41 4.08
C SER A 112 0.96 -14.68 3.01
N THR A 113 1.23 -13.38 3.23
CA THR A 113 2.15 -12.63 2.37
C THR A 113 3.55 -13.26 2.21
N ARG A 114 4.16 -13.67 3.34
CA ARG A 114 5.52 -14.21 3.38
C ARG A 114 5.56 -15.51 2.57
N ARG A 115 4.51 -16.35 2.73
CA ARG A 115 4.41 -17.62 2.03
C ARG A 115 4.39 -17.39 0.53
N LEU A 116 3.51 -16.49 0.05
CA LEU A 116 3.39 -16.27 -1.39
C LEU A 116 4.66 -15.62 -1.95
N ALA A 117 5.31 -14.77 -1.15
CA ALA A 117 6.52 -14.08 -1.57
C ALA A 117 7.63 -15.11 -1.86
N GLU A 118 7.86 -15.99 -0.87
CA GLU A 118 8.70 -17.16 -0.96
C GLU A 118 8.37 -17.97 -2.21
N VAL A 119 7.10 -18.34 -2.43
CA VAL A 119 6.71 -19.13 -3.59
C VAL A 119 7.05 -18.38 -4.88
N GLU A 120 6.90 -17.04 -4.84
CA GLU A 120 7.07 -16.18 -5.99
C GLU A 120 8.56 -16.00 -6.27
N GLY A 121 9.39 -16.30 -5.27
CA GLY A 121 10.82 -16.01 -5.34
C GLY A 121 11.10 -14.53 -5.12
N ASN A 122 10.22 -13.83 -4.39
CA ASN A 122 10.41 -12.40 -4.13
C ASN A 122 11.18 -12.23 -2.82
N GLU A 123 11.56 -10.98 -2.48
CA GLU A 123 12.14 -10.69 -1.18
C GLU A 123 11.06 -10.95 -0.13
N ILE A 124 11.49 -11.42 1.05
CA ILE A 124 10.60 -11.89 2.11
C ILE A 124 10.83 -11.02 3.35
N PRO A 125 9.79 -10.26 3.79
CA PRO A 125 9.91 -9.47 5.02
C PRO A 125 10.19 -10.42 6.18
N THR A 126 11.03 -9.96 7.10
CA THR A 126 11.60 -10.79 8.15
C THR A 126 10.52 -11.23 9.14
N HIS A 127 9.70 -10.32 9.66
CA HIS A 127 8.80 -10.56 10.78
C HIS A 127 7.38 -10.90 10.32
N SER A 128 6.68 -11.73 11.10
CA SER A 128 5.35 -12.23 10.74
C SER A 128 4.29 -11.48 11.52
N LEU A 129 3.20 -11.04 10.87
CA LEU A 129 2.11 -10.42 11.60
C LEU A 129 1.01 -11.44 11.88
N GLU A 130 0.85 -11.79 13.16
CA GLU A 130 -0.13 -12.79 13.54
C GLU A 130 -1.50 -12.12 13.64
N GLY A 131 -2.56 -12.91 13.45
CA GLY A 131 -3.91 -12.42 13.74
C GLY A 131 -4.59 -11.71 12.56
N LEU A 132 -4.17 -12.03 11.33
CA LEU A 132 -4.82 -11.38 10.20
C LEU A 132 -5.30 -12.46 9.22
N SER A 133 -5.41 -13.70 9.69
CA SER A 133 -5.54 -14.79 8.73
C SER A 133 -6.99 -14.92 8.27
N SER A 134 -7.92 -14.33 9.01
CA SER A 134 -9.33 -14.49 8.66
C SER A 134 -9.95 -13.18 8.15
N SER A 135 -10.76 -13.24 7.09
CA SER A 135 -11.46 -12.07 6.55
C SER A 135 -12.09 -11.29 7.69
N GLY A 136 -11.89 -9.97 7.72
CA GLY A 136 -12.46 -9.14 8.78
C GLY A 136 -11.53 -8.99 9.99
N ASP A 137 -10.40 -9.71 10.01
CA ASP A 137 -9.44 -9.56 11.09
C ASP A 137 -8.80 -8.16 11.05
N ALA A 138 -8.66 -7.55 12.22
CA ALA A 138 -7.82 -6.36 12.39
C ALA A 138 -6.85 -6.57 13.56
N VAL A 139 -5.66 -5.96 13.46
CA VAL A 139 -4.76 -5.86 14.59
C VAL A 139 -4.16 -4.45 14.61
N ARG A 140 -3.83 -3.96 15.80
CA ARG A 140 -3.14 -2.69 15.91
C ARG A 140 -1.66 -2.92 15.63
N PHE A 141 -1.03 -1.93 15.00
CA PHE A 141 0.40 -1.92 14.74
C PHE A 141 0.86 -0.49 14.97
N GLY A 142 1.19 -0.19 16.24
CA GLY A 142 1.53 1.17 16.61
C GLY A 142 0.44 2.17 16.22
N PRO A 143 0.78 3.18 15.39
CA PRO A 143 -0.15 4.26 15.05
C PRO A 143 -1.12 3.90 13.92
N VAL A 144 -1.22 2.61 13.56
CA VAL A 144 -2.18 2.25 12.52
C VAL A 144 -2.92 1.01 12.98
N GLU A 145 -4.05 0.74 12.30
CA GLU A 145 -4.67 -0.55 12.36
C GLU A 145 -4.43 -1.25 11.03
N LEU A 146 -4.08 -2.54 11.08
CA LEU A 146 -3.92 -3.40 9.91
C LEU A 146 -5.21 -4.21 9.77
N PHE A 147 -5.76 -4.35 8.55
CA PHE A 147 -7.04 -5.01 8.35
C PHE A 147 -6.95 -5.95 7.16
N TYR A 148 -7.41 -7.19 7.34
CA TYR A 148 -7.48 -8.12 6.22
C TYR A 148 -8.94 -8.22 5.79
N PRO A 149 -9.28 -7.66 4.60
CA PRO A 149 -10.69 -7.60 4.21
C PRO A 149 -11.14 -8.90 3.54
N GLY A 150 -10.19 -9.77 3.25
CA GLY A 150 -10.48 -10.93 2.42
C GLY A 150 -9.79 -10.76 1.07
N ALA A 151 -9.87 -11.81 0.26
CA ALA A 151 -9.16 -11.81 -1.01
C ALA A 151 -9.75 -10.74 -1.93
N ALA A 152 -8.87 -10.06 -2.68
CA ALA A 152 -9.30 -9.01 -3.58
C ALA A 152 -8.32 -8.97 -4.77
N HIS A 153 -7.49 -7.92 -4.84
CA HIS A 153 -6.40 -7.92 -5.82
C HIS A 153 -5.45 -9.11 -5.61
N SER A 154 -5.29 -9.55 -4.37
CA SER A 154 -4.59 -10.80 -4.12
C SER A 154 -5.24 -11.42 -2.91
N THR A 155 -4.88 -12.69 -2.62
CA THR A 155 -5.52 -13.38 -1.51
C THR A 155 -4.99 -12.85 -0.19
N ASP A 156 -3.79 -12.24 -0.17
CA ASP A 156 -3.15 -11.75 1.05
C ASP A 156 -3.31 -10.24 1.29
N ASN A 157 -3.99 -9.49 0.41
CA ASN A 157 -3.92 -8.03 0.49
C ASN A 157 -4.41 -7.51 1.84
N LEU A 158 -3.60 -6.61 2.43
CA LEU A 158 -4.00 -5.90 3.66
C LEU A 158 -4.38 -4.46 3.33
N VAL A 159 -5.21 -3.85 4.20
CA VAL A 159 -5.41 -2.40 4.13
C VAL A 159 -4.97 -1.79 5.47
N VAL A 160 -4.65 -0.49 5.43
CA VAL A 160 -4.07 0.16 6.58
C VAL A 160 -4.92 1.38 6.93
N TYR A 161 -5.30 1.53 8.20
CA TYR A 161 -6.02 2.73 8.62
C TYR A 161 -5.23 3.50 9.68
N VAL A 162 -5.22 4.84 9.59
CA VAL A 162 -4.52 5.74 10.52
C VAL A 162 -5.60 6.42 11.36
N PRO A 163 -6.02 5.85 12.52
CA PRO A 163 -7.16 6.37 13.27
C PRO A 163 -7.09 7.88 13.50
N SER A 164 -5.87 8.38 13.72
CA SER A 164 -5.58 9.74 14.14
C SER A 164 -5.80 10.76 13.04
N ALA A 165 -5.87 10.29 11.79
CA ALA A 165 -5.99 11.22 10.69
C ALA A 165 -7.13 10.82 9.75
N SER A 166 -7.87 9.74 10.10
CA SER A 166 -8.89 9.13 9.25
C SER A 166 -8.36 8.90 7.82
N VAL A 167 -7.17 8.28 7.72
CA VAL A 167 -6.60 7.96 6.43
C VAL A 167 -6.70 6.45 6.22
N LEU A 168 -7.34 6.06 5.12
CA LEU A 168 -7.45 4.65 4.77
C LEU A 168 -6.48 4.42 3.61
N TYR A 169 -5.49 3.56 3.81
CA TYR A 169 -4.61 3.25 2.70
C TYR A 169 -5.10 1.91 2.13
N GLY A 170 -5.65 1.96 0.91
CA GLY A 170 -6.24 0.75 0.37
C GLY A 170 -5.20 -0.19 -0.24
N GLY A 171 -4.02 0.34 -0.62
CA GLY A 171 -3.10 -0.51 -1.37
C GLY A 171 -3.68 -0.91 -2.72
N CYS A 172 -3.32 -2.09 -3.24
CA CYS A 172 -3.67 -2.38 -4.62
C CYS A 172 -5.10 -2.92 -4.79
N ALA A 173 -5.78 -3.15 -3.66
CA ALA A 173 -7.18 -3.57 -3.66
C ALA A 173 -8.13 -2.42 -4.00
N ILE A 174 -7.64 -1.16 -3.95
CA ILE A 174 -8.45 0.01 -4.28
C ILE A 174 -7.81 0.77 -5.44
N TYR A 175 -8.64 1.08 -6.46
CA TYR A 175 -8.27 1.76 -7.69
C TYR A 175 -8.56 3.26 -7.56
N GLU A 176 -7.77 4.12 -8.23
CA GLU A 176 -8.07 5.54 -8.35
C GLU A 176 -9.24 5.72 -9.32
N LEU A 177 -9.89 6.88 -9.22
CA LEU A 177 -11.09 7.15 -10.00
C LEU A 177 -10.80 7.11 -11.50
N SER A 178 -9.58 7.54 -11.85
CA SER A 178 -9.11 7.61 -13.23
C SER A 178 -9.07 6.25 -13.87
N ARG A 179 -8.98 5.19 -13.05
CA ARG A 179 -8.70 3.88 -13.60
C ARG A 179 -10.02 3.21 -13.96
N THR A 180 -10.20 2.97 -15.26
CA THR A 180 -11.48 2.56 -15.79
C THR A 180 -11.48 1.06 -16.01
N SER A 181 -10.29 0.44 -16.04
CA SER A 181 -10.21 -1.00 -16.25
C SER A 181 -9.43 -1.72 -15.15
N ALA A 182 -9.80 -2.98 -14.91
CA ALA A 182 -9.10 -3.84 -13.97
C ALA A 182 -7.71 -4.04 -14.52
N GLY A 183 -6.68 -4.13 -13.69
CA GLY A 183 -5.36 -4.20 -14.29
C GLY A 183 -5.00 -5.60 -14.76
N ASN A 184 -3.79 -6.04 -14.42
CA ASN A 184 -3.47 -7.44 -14.30
C ASN A 184 -4.24 -7.98 -13.09
N VAL A 185 -5.06 -9.01 -13.30
CA VAL A 185 -5.88 -9.54 -12.23
C VAL A 185 -5.56 -11.03 -12.05
N ALA A 186 -4.37 -11.43 -12.49
CA ALA A 186 -3.99 -12.85 -12.50
C ALA A 186 -4.01 -13.41 -11.09
N ASP A 187 -3.75 -12.57 -10.10
CA ASP A 187 -3.58 -13.14 -8.77
C ASP A 187 -4.83 -12.92 -7.90
N ALA A 188 -5.85 -12.32 -8.53
CA ALA A 188 -6.98 -11.74 -7.84
C ALA A 188 -8.02 -12.80 -7.56
N ASP A 189 -8.89 -12.53 -6.56
CA ASP A 189 -10.12 -13.28 -6.44
C ASP A 189 -11.29 -12.38 -6.90
N LEU A 190 -11.59 -12.37 -8.19
CA LEU A 190 -12.66 -11.49 -8.65
C LEU A 190 -13.97 -11.80 -7.91
N ALA A 191 -14.22 -13.08 -7.60
CA ALA A 191 -15.49 -13.47 -7.01
C ALA A 191 -15.65 -12.90 -5.60
N GLU A 192 -14.56 -12.68 -4.88
CA GLU A 192 -14.63 -12.18 -3.51
C GLU A 192 -14.30 -10.70 -3.41
N TRP A 193 -13.60 -10.18 -4.40
CA TRP A 193 -13.25 -8.76 -4.37
C TRP A 193 -14.35 -7.82 -3.85
N PRO A 194 -15.60 -7.80 -4.40
CA PRO A 194 -16.60 -6.85 -3.93
C PRO A 194 -17.02 -7.02 -2.48
N THR A 195 -17.16 -8.28 -2.06
CA THR A 195 -17.45 -8.56 -0.68
C THR A 195 -16.32 -8.02 0.20
N SER A 196 -15.06 -8.16 -0.26
CA SER A 196 -13.96 -7.67 0.57
C SER A 196 -14.03 -6.16 0.71
N ILE A 197 -14.38 -5.46 -0.38
CA ILE A 197 -14.48 -4.00 -0.32
C ILE A 197 -15.63 -3.57 0.62
N GLU A 198 -16.75 -4.30 0.56
CA GLU A 198 -17.84 -4.06 1.51
C GLU A 198 -17.36 -4.21 2.97
N ARG A 199 -16.56 -5.24 3.29
CA ARG A 199 -15.94 -5.31 4.61
C ARG A 199 -15.18 -4.03 4.93
N ILE A 200 -14.40 -3.50 3.98
CA ILE A 200 -13.63 -2.29 4.24
C ILE A 200 -14.61 -1.14 4.54
N GLN A 201 -15.65 -1.04 3.70
CA GLN A 201 -16.70 -0.03 3.82
C GLN A 201 -17.31 -0.08 5.24
N GLN A 202 -17.67 -1.29 5.70
CA GLN A 202 -18.39 -1.46 6.94
C GLN A 202 -17.46 -1.19 8.13
N HIS A 203 -16.15 -1.40 7.94
CA HIS A 203 -15.20 -1.28 9.05
C HIS A 203 -14.66 0.14 9.20
N TYR A 204 -14.65 0.91 8.11
CA TYR A 204 -14.03 2.23 8.18
C TYR A 204 -14.94 3.28 7.56
N PRO A 205 -16.25 3.35 7.90
CA PRO A 205 -17.17 4.29 7.25
C PRO A 205 -16.85 5.75 7.53
N GLU A 206 -15.88 5.99 8.43
CA GLU A 206 -15.53 7.32 8.86
C GLU A 206 -14.25 7.82 8.16
N ALA A 207 -13.70 7.00 7.27
CA ALA A 207 -12.49 7.40 6.56
C ALA A 207 -12.75 8.69 5.78
N GLN A 208 -11.79 9.64 5.86
CA GLN A 208 -11.87 10.95 5.22
C GLN A 208 -11.02 10.99 3.96
N PHE A 209 -9.87 10.29 3.99
CA PHE A 209 -8.93 10.25 2.88
C PHE A 209 -8.67 8.78 2.51
N VAL A 210 -8.82 8.43 1.22
CA VAL A 210 -8.62 7.05 0.73
C VAL A 210 -7.47 7.07 -0.28
N ILE A 211 -6.39 6.36 0.03
CA ILE A 211 -5.24 6.37 -0.84
C ILE A 211 -5.23 5.06 -1.62
N PRO A 212 -5.32 5.11 -2.98
CA PRO A 212 -5.24 3.91 -3.79
C PRO A 212 -3.79 3.44 -3.91
N GLY A 213 -3.56 2.16 -4.23
CA GLY A 213 -2.21 1.71 -4.52
C GLY A 213 -1.53 2.56 -5.60
N HIS A 214 -2.32 3.06 -6.55
CA HIS A 214 -1.72 3.81 -7.66
C HIS A 214 -2.58 5.02 -7.93
N GLY A 215 -1.99 6.22 -7.88
CA GLY A 215 -2.72 7.37 -8.39
C GLY A 215 -3.31 8.27 -7.29
N LEU A 216 -4.32 9.05 -7.69
CA LEU A 216 -4.77 10.17 -6.87
C LEU A 216 -5.64 9.72 -5.69
N PRO A 217 -5.43 10.28 -4.47
CA PRO A 217 -6.33 10.00 -3.34
C PRO A 217 -7.73 10.55 -3.61
N GLY A 218 -8.68 10.02 -2.87
CA GLY A 218 -10.01 10.61 -2.88
C GLY A 218 -10.67 10.33 -1.54
N GLY A 219 -11.99 10.16 -1.58
CA GLY A 219 -12.74 9.78 -0.41
C GLY A 219 -13.22 8.34 -0.59
N LEU A 220 -14.22 7.98 0.21
CA LEU A 220 -14.76 6.64 0.27
C LEU A 220 -15.39 6.21 -1.06
N ASP A 221 -15.70 7.13 -1.96
CA ASP A 221 -16.23 6.68 -3.25
C ASP A 221 -15.18 5.94 -4.11
N LEU A 222 -13.91 5.92 -3.70
CA LEU A 222 -12.99 5.07 -4.43
C LEU A 222 -13.40 3.59 -4.29
N LEU A 223 -14.08 3.26 -3.19
CA LEU A 223 -14.44 1.88 -2.90
C LEU A 223 -15.54 1.42 -3.87
N LYS A 224 -16.54 2.29 -4.07
CA LYS A 224 -17.63 1.98 -5.00
C LYS A 224 -17.08 1.95 -6.41
N HIS A 225 -16.23 2.91 -6.77
CA HIS A 225 -15.61 2.91 -8.08
C HIS A 225 -14.91 1.57 -8.36
N THR A 226 -14.15 1.03 -7.37
CA THR A 226 -13.40 -0.20 -7.60
C THR A 226 -14.37 -1.37 -7.78
N THR A 227 -15.36 -1.44 -6.90
CA THR A 227 -16.48 -2.37 -7.08
C THR A 227 -16.98 -2.34 -8.51
N ASN A 228 -17.27 -1.13 -9.04
CA ASN A 228 -17.88 -0.97 -10.35
C ASN A 228 -16.93 -1.53 -11.40
N VAL A 229 -15.63 -1.24 -11.25
CA VAL A 229 -14.68 -1.68 -12.25
C VAL A 229 -14.48 -3.20 -12.20
N VAL A 230 -14.34 -3.74 -10.99
CA VAL A 230 -14.17 -5.18 -10.81
C VAL A 230 -15.38 -5.95 -11.38
N LYS A 231 -16.59 -5.43 -11.14
CA LYS A 231 -17.81 -6.09 -11.63
C LYS A 231 -17.92 -6.03 -13.15
N ALA A 232 -17.61 -4.89 -13.77
CA ALA A 232 -17.59 -4.83 -15.23
C ALA A 232 -16.58 -5.82 -15.83
N HIS A 233 -15.43 -6.00 -15.18
CA HIS A 233 -14.42 -6.92 -15.71
C HIS A 233 -14.91 -8.38 -15.59
N THR A 234 -15.51 -8.71 -14.45
CA THR A 234 -16.10 -10.02 -14.22
C THR A 234 -17.08 -10.34 -15.35
N ASN A 235 -17.81 -9.32 -15.80
CA ASN A 235 -18.86 -9.45 -16.82
C ASN A 235 -18.33 -9.38 -18.25
N ARG A 236 -17.05 -9.02 -18.45
CA ARG A 236 -16.46 -8.84 -19.77
C ARG A 236 -16.97 -9.92 -20.75
ZN ZN B . -0.12 -6.78 -6.80
ZN ZN C . 0.19 -2.25 -6.91
ZN ZN D . 13.87 -7.67 13.82
C ACT E . 14.90 -7.62 11.02
O ACT E . 13.90 -7.22 10.38
OXT ACT E . 14.94 -7.63 12.25
CH3 ACT E . 16.08 -8.13 10.29
C ACT F . 13.94 -5.09 15.06
O ACT F . 13.02 -5.73 15.70
OXT ACT F . 14.66 -5.59 14.13
CH3 ACT F . 14.18 -3.68 15.45
CAB L2R G . 4.76 -6.04 -9.69
CAA L2R G . 5.99 -6.18 -10.37
CAC L2R G . 6.07 -5.85 -11.73
CAD L2R G . 4.94 -5.36 -12.42
CAE L2R G . 3.73 -5.22 -11.73
CAF L2R G . 3.63 -5.55 -10.37
CAG L2R G . 2.47 -5.42 -9.70
NAH L2R G . 2.00 -6.35 -8.87
NAI L2R G . 0.85 -5.89 -8.34
CAJ L2R G . 0.63 -4.69 -8.87
SAL L2R G . -0.80 -3.73 -8.50
NAK L2R G . 1.63 -4.35 -9.69
CAM L2R G . 1.60 -3.06 -10.42
CAN L2R G . 1.10 -3.34 -11.84
CB L2R G . 0.28 -2.16 -12.34
CA L2R G . -0.45 -2.56 -13.65
C L2R G . -1.71 -3.48 -13.40
OXT L2R G . -1.84 -4.46 -14.15
O L2R G . -2.51 -3.23 -12.46
N L2R G . -0.73 -1.35 -14.48
CAW L2R G . -2.03 -0.67 -14.20
CAX L2R G . -1.85 0.80 -13.76
CBA L2R G . -2.00 1.29 -12.51
NBB L2R G . -1.75 2.60 -12.56
CAZ L2R G . -1.43 2.91 -13.81
NAY L2R G . -1.49 1.80 -14.56
CAU L2R G . -0.45 -1.55 -15.92
CAV L2R G . -1.42 -2.62 -16.51
CBD L2R G . -1.07 -3.82 -16.96
NBF L2R G . -2.20 -4.42 -17.36
CBE L2R G . -3.22 -3.58 -17.17
NBC L2R G . -2.72 -2.47 -16.61
#